data_6EG0
#
_entry.id   6EG0
#
_cell.length_a   94.294
_cell.length_b   94.294
_cell.length_c   212.463
_cell.angle_alpha   90.00
_cell.angle_beta   90.00
_cell.angle_gamma   120.00
#
_symmetry.space_group_name_H-M   'P 31 2 1'
#
loop_
_entity.id
_entity.type
_entity.pdbx_description
1 polymer 'Defective proboscis extension response 4'
2 polymer 'Dpr-interacting protein eta, isoform B'
3 branched 2-acetamido-2-deoxy-beta-D-glucopyranose-(1-4)-[alpha-L-fucopyranose-(1-6)]2-acetamido-2-deoxy-beta-D-glucopyranose
4 branched beta-D-mannopyranose-(1-4)-2-acetamido-2-deoxy-beta-D-glucopyranose-(1-4)-[alpha-L-fucopyranose-(1-6)]2-acetamido-2-deoxy-beta-D-glucopyranose
5 branched alpha-D-mannopyranose-(1-3)-beta-D-mannopyranose-(1-4)-2-acetamido-2-deoxy-beta-D-glucopyranose-(1-4)-[alpha-L-fucopyranose-(1-6)]2-acetamido-2-deoxy-beta-D-glucopyranose
6 branched 2-acetamido-2-deoxy-beta-D-glucopyranose-(1-2)-alpha-D-mannopyranose-(1-3)-[2-acetamido-2-deoxy-beta-D-glucopyranose-(1-2)-alpha-D-mannopyranose-(1-6)]beta-D-mannopyranose-(1-4)-2-acetamido-2-deoxy-beta-D-glucopyranose-(1-4)-[alpha-L-fucopyranose-(1-6)]2-acetamido-2-deoxy-beta-D-glucopyranose
7 non-polymer 2-acetamido-2-deoxy-beta-D-glucopyranose
8 non-polymer DI(HYDROXYETHYL)ETHER
9 non-polymer 1,2-ETHANEDIOL
10 non-polymer 'ACETATE ION'
11 water water
#
loop_
_entity_poly.entity_id
_entity_poly.type
_entity_poly.pdbx_seq_one_letter_code
_entity_poly.pdbx_strand_id
1 'polypeptide(L)'
;EVPPHYWETPYSQPYFDNSSRREVTATVGQAALLHCRVRNLGDRAVSWIRKRDLHILTVGILTYTNDQRFQSLHSEGSDE
WTLRISSPQPRDSGTYECQVSTEPKISQGFRLNVVVSRAKILGNAELFIKSGSDINLTCLAMQSPVPPSFIYWYKGKRVM
NYSQRGGINVITERSTRTSKLLIAKATPADSGNYTCSPSSSDSASVVVHVINGEHHHHHH
;
A
2 'polypeptide(L)'
;QRVEVPAEVIVDPKFSSPIVNMTAPVGRDAFLTCVVQDLGPYKVAWLRVDTQTILTIQNHVITKNQRIGIANSEHKTWTM
RIKDIKESDKGWYMCQINTDPMKSQMGYLDVVVPPDILDYPTSTDMVVREGSNVTLKCAATGSPEPTITWRRESGVPIEL
ATGEEVMSIEGTDLVIPNVRRHHMGAYLCIASNGVPPSVSKRITLVVHFPPMITVQNQLIGAVEGKGVTLDCESEAYPKS
INYWTRERGEIVPPGGKYSANVTEIGGYRNSMRLHINPLTQAEFGSYRCVAKNSLGDTDGTIKLYRIPHHHHHH
;
B
#
# COMPACT_ATOMS: atom_id res chain seq x y z
N SER A 12 25.08 -16.51 2.08
CA SER A 12 24.20 -15.86 3.03
C SER A 12 23.11 -15.07 2.33
N GLN A 13 23.48 -14.43 1.22
CA GLN A 13 22.52 -13.68 0.42
C GLN A 13 22.73 -13.92 -1.07
N PRO A 14 21.70 -14.34 -1.80
CA PRO A 14 21.83 -14.51 -3.24
C PRO A 14 21.58 -13.20 -4.00
N TYR A 15 22.14 -13.13 -5.20
CA TYR A 15 21.94 -11.98 -6.06
C TYR A 15 22.07 -12.41 -7.51
N PHE A 16 21.57 -11.56 -8.41
CA PHE A 16 21.52 -11.89 -9.83
C PHE A 16 22.86 -11.55 -10.50
N ASP A 17 22.93 -11.82 -11.81
CA ASP A 17 24.16 -11.67 -12.56
C ASP A 17 24.35 -10.29 -13.17
N ASN A 18 23.27 -9.64 -13.59
CA ASN A 18 23.23 -8.32 -14.21
C ASN A 18 23.46 -8.39 -15.72
N SER A 19 23.91 -9.53 -16.25
CA SER A 19 24.22 -9.67 -17.67
C SER A 19 23.43 -10.86 -18.23
N SER A 20 22.11 -10.68 -18.37
CA SER A 20 21.24 -11.70 -18.94
C SER A 20 20.40 -11.19 -20.09
N ARG A 21 20.42 -9.90 -20.39
CA ARG A 21 19.65 -9.33 -21.50
C ARG A 21 18.15 -9.41 -21.22
N ARG A 22 17.67 -8.54 -20.33
CA ARG A 22 16.27 -8.54 -19.94
C ARG A 22 15.33 -8.65 -21.15
N GLU A 23 15.56 -7.81 -22.16
CA GLU A 23 14.75 -7.85 -23.38
CA GLU A 23 14.75 -7.85 -23.38
C GLU A 23 15.18 -9.02 -24.25
N VAL A 24 14.22 -9.89 -24.58
CA VAL A 24 14.47 -11.06 -25.42
C VAL A 24 13.41 -11.08 -26.52
N THR A 25 13.86 -11.23 -27.77
CA THR A 25 12.98 -11.24 -28.92
C THR A 25 13.14 -12.57 -29.65
N ALA A 26 12.05 -13.33 -29.73
CA ALA A 26 12.03 -14.60 -30.44
C ALA A 26 11.07 -14.53 -31.62
N THR A 27 11.23 -15.46 -32.55
CA THR A 27 10.41 -15.54 -33.74
C THR A 27 9.56 -16.81 -33.70
N VAL A 28 8.36 -16.72 -34.26
CA VAL A 28 7.46 -17.87 -34.28
C VAL A 28 8.19 -19.07 -34.83
N GLY A 29 8.05 -20.20 -34.16
CA GLY A 29 8.87 -21.35 -34.47
C GLY A 29 10.21 -21.26 -33.76
N GLN A 30 11.08 -22.22 -34.07
CA GLN A 30 12.41 -22.30 -33.46
C GLN A 30 12.21 -22.51 -31.97
N ALA A 31 12.75 -21.65 -31.10
CA ALA A 31 12.58 -21.76 -29.66
C ALA A 31 13.21 -20.54 -29.01
N ALA A 32 12.68 -20.17 -27.84
CA ALA A 32 13.12 -18.99 -27.12
C ALA A 32 13.82 -19.42 -25.83
N LEU A 33 14.85 -18.66 -25.45
CA LEU A 33 15.61 -18.92 -24.23
C LEU A 33 15.68 -17.65 -23.39
N LEU A 34 15.29 -17.77 -22.12
CA LEU A 34 15.45 -16.70 -21.15
C LEU A 34 16.45 -17.20 -20.10
N HIS A 35 17.62 -16.57 -20.07
CA HIS A 35 18.71 -17.00 -19.20
C HIS A 35 18.69 -16.16 -17.93
N CYS A 36 18.63 -16.83 -16.78
CA CYS A 36 18.66 -16.18 -15.48
C CYS A 36 19.78 -16.79 -14.65
N ARG A 37 20.75 -15.98 -14.26
CA ARG A 37 21.90 -16.44 -13.49
C ARG A 37 21.86 -15.83 -12.10
N VAL A 38 22.17 -16.65 -11.09
CA VAL A 38 22.15 -16.24 -9.69
C VAL A 38 23.46 -16.64 -9.05
N ARG A 39 24.03 -15.72 -8.27
CA ARG A 39 25.30 -15.95 -7.59
C ARG A 39 25.05 -16.40 -6.16
N ASN A 40 25.80 -17.42 -5.73
CA ASN A 40 25.71 -17.95 -4.37
C ASN A 40 24.27 -18.31 -4.01
N LEU A 41 23.73 -19.27 -4.77
CA LEU A 41 22.35 -19.68 -4.59
C LEU A 41 22.13 -20.26 -3.20
N GLY A 42 22.87 -21.31 -2.86
CA GLY A 42 22.64 -22.00 -1.60
C GLY A 42 21.54 -23.03 -1.73
N ASP A 43 20.80 -23.21 -0.62
CA ASP A 43 19.69 -24.15 -0.61
C ASP A 43 18.41 -23.57 -1.19
N ARG A 44 18.41 -22.29 -1.58
CA ARG A 44 17.25 -21.69 -2.20
C ARG A 44 17.01 -22.30 -3.59
N ALA A 45 15.85 -21.97 -4.16
CA ALA A 45 15.44 -22.52 -5.45
C ALA A 45 15.04 -21.38 -6.38
N VAL A 46 15.33 -21.57 -7.67
CA VAL A 46 14.99 -20.61 -8.70
C VAL A 46 13.73 -21.07 -9.42
N SER A 47 12.82 -20.13 -9.68
CA SER A 47 11.53 -20.45 -10.26
C SER A 47 11.20 -19.46 -11.35
N TRP A 48 10.39 -19.91 -12.32
CA TRP A 48 9.92 -19.07 -13.41
C TRP A 48 8.40 -18.97 -13.33
N ILE A 49 7.88 -17.75 -13.43
CA ILE A 49 6.45 -17.49 -13.40
C ILE A 49 6.09 -16.55 -14.53
N ARG A 50 4.81 -16.59 -14.91
CA ARG A 50 4.26 -15.72 -15.94
C ARG A 50 3.44 -14.63 -15.23
N LYS A 51 3.94 -13.39 -15.30
CA LYS A 51 3.30 -12.31 -14.55
C LYS A 51 1.85 -12.10 -14.96
N ARG A 52 1.51 -12.39 -16.22
CA ARG A 52 0.18 -12.09 -16.72
C ARG A 52 -0.92 -12.70 -15.84
N ASP A 53 -0.89 -14.03 -15.69
CA ASP A 53 -1.89 -14.73 -14.90
C ASP A 53 -1.29 -15.40 -13.66
N LEU A 54 -0.04 -15.08 -13.32
CA LEU A 54 0.59 -15.60 -12.12
C LEU A 54 0.70 -17.13 -12.17
N HIS A 55 0.98 -17.65 -13.36
CA HIS A 55 1.09 -19.09 -13.56
C HIS A 55 2.53 -19.53 -13.37
N ILE A 56 2.75 -20.55 -12.54
CA ILE A 56 4.08 -21.08 -12.32
C ILE A 56 4.52 -21.89 -13.53
N LEU A 57 5.82 -21.84 -13.84
CA LEU A 57 6.37 -22.55 -14.99
C LEU A 57 7.37 -23.60 -14.55
N THR A 58 8.50 -23.20 -13.98
CA THR A 58 9.53 -24.14 -13.54
C THR A 58 9.99 -23.78 -12.14
N VAL A 59 10.41 -24.81 -11.41
CA VAL A 59 10.99 -24.66 -10.07
C VAL A 59 12.24 -25.53 -10.06
N GLY A 60 13.41 -24.91 -9.99
CA GLY A 60 14.62 -25.68 -10.10
C GLY A 60 14.76 -26.21 -11.51
N ILE A 61 14.86 -27.55 -11.63
CA ILE A 61 14.89 -28.20 -12.93
C ILE A 61 13.57 -28.86 -13.28
N LEU A 62 12.65 -28.98 -12.33
CA LEU A 62 11.36 -29.60 -12.58
C LEU A 62 10.38 -28.60 -13.19
N THR A 63 9.49 -29.11 -14.01
CA THR A 63 8.46 -28.31 -14.65
C THR A 63 7.13 -28.51 -13.93
N TYR A 64 6.42 -27.40 -13.70
CA TYR A 64 5.13 -27.43 -13.04
C TYR A 64 3.96 -27.14 -13.97
N THR A 65 4.20 -26.47 -15.09
CA THR A 65 3.11 -25.82 -15.83
C THR A 65 2.18 -26.83 -16.51
N ASN A 66 2.69 -27.99 -16.92
CA ASN A 66 1.93 -28.94 -17.73
C ASN A 66 1.59 -28.35 -19.09
N ASP A 67 2.39 -27.39 -19.54
CA ASP A 67 2.43 -26.94 -20.93
C ASP A 67 3.82 -27.36 -21.43
N GLN A 68 3.89 -28.55 -22.03
CA GLN A 68 5.17 -29.17 -22.33
C GLN A 68 6.15 -28.25 -23.03
N ARG A 69 5.69 -27.13 -23.58
CA ARG A 69 6.60 -26.21 -24.27
C ARG A 69 7.58 -25.56 -23.32
N PHE A 70 7.22 -25.44 -22.04
CA PHE A 70 8.11 -24.84 -21.05
C PHE A 70 8.98 -25.91 -20.42
N GLN A 71 10.28 -25.62 -20.32
CA GLN A 71 11.24 -26.55 -19.75
C GLN A 71 12.39 -25.77 -19.13
N SER A 72 12.87 -26.26 -17.99
CA SER A 72 13.98 -25.62 -17.27
C SER A 72 15.29 -26.29 -17.67
N LEU A 73 16.29 -25.48 -17.99
CA LEU A 73 17.61 -25.98 -18.37
C LEU A 73 18.63 -25.49 -17.36
N HIS A 74 19.36 -26.43 -16.75
CA HIS A 74 20.35 -26.07 -15.74
C HIS A 74 21.42 -27.16 -15.70
N SER A 75 22.65 -26.81 -16.05
CA SER A 75 23.76 -27.74 -15.94
C SER A 75 24.24 -27.79 -14.49
N GLU A 76 24.46 -29.01 -13.99
CA GLU A 76 24.81 -29.19 -12.59
C GLU A 76 25.99 -28.31 -12.19
N GLY A 77 25.79 -27.54 -11.13
CA GLY A 77 26.82 -26.66 -10.62
C GLY A 77 26.92 -25.31 -11.29
N SER A 78 26.14 -25.07 -12.33
CA SER A 78 26.19 -23.79 -13.04
C SER A 78 25.39 -22.73 -12.30
N ASP A 79 25.61 -21.47 -12.69
CA ASP A 79 24.87 -20.34 -12.15
C ASP A 79 23.66 -19.96 -13.00
N GLU A 80 23.45 -20.62 -14.12
CA GLU A 80 22.43 -20.22 -15.09
C GLU A 80 21.21 -21.14 -14.98
N TRP A 81 20.03 -20.53 -14.92
CA TRP A 81 18.76 -21.25 -14.94
C TRP A 81 17.97 -20.73 -16.15
N THR A 82 17.93 -21.52 -17.22
CA THR A 82 17.36 -21.09 -18.48
C THR A 82 15.94 -21.62 -18.63
N LEU A 83 15.01 -20.72 -18.93
CA LEU A 83 13.63 -21.08 -19.23
C LEU A 83 13.50 -21.24 -20.74
N ARG A 84 13.24 -22.46 -21.19
CA ARG A 84 13.12 -22.78 -22.60
C ARG A 84 11.66 -22.89 -22.99
N ILE A 85 11.26 -22.13 -24.01
CA ILE A 85 9.89 -22.13 -24.51
C ILE A 85 9.92 -22.73 -25.92
N SER A 86 9.36 -23.92 -26.07
CA SER A 86 9.29 -24.57 -27.36
C SER A 86 8.06 -24.08 -28.12
N SER A 87 8.20 -23.92 -29.43
CA SER A 87 7.11 -23.52 -30.30
C SER A 87 6.44 -22.22 -29.82
N PRO A 88 7.20 -21.14 -29.66
CA PRO A 88 6.59 -19.88 -29.21
C PRO A 88 5.49 -19.42 -30.16
N GLN A 89 4.50 -18.75 -29.60
CA GLN A 89 3.38 -18.19 -30.33
C GLN A 89 3.21 -16.73 -29.95
N PRO A 90 2.46 -15.97 -30.75
CA PRO A 90 2.30 -14.54 -30.44
C PRO A 90 1.65 -14.29 -29.09
N ARG A 91 0.70 -15.14 -28.69
CA ARG A 91 0.05 -14.99 -27.39
C ARG A 91 1.05 -15.06 -26.25
N ASP A 92 2.14 -15.81 -26.43
CA ASP A 92 3.14 -15.96 -25.39
C ASP A 92 3.96 -14.70 -25.13
N SER A 93 3.62 -13.59 -25.78
CA SER A 93 4.33 -12.33 -25.55
C SER A 93 3.89 -11.74 -24.21
N GLY A 94 4.86 -11.50 -23.33
CA GLY A 94 4.54 -10.96 -22.02
C GLY A 94 5.78 -10.91 -21.15
N THR A 95 5.55 -10.77 -19.85
CA THR A 95 6.62 -10.66 -18.88
C THR A 95 6.74 -11.96 -18.10
N TYR A 96 7.95 -12.52 -18.06
CA TYR A 96 8.26 -13.71 -17.30
C TYR A 96 9.29 -13.36 -16.23
N GLU A 97 9.03 -13.76 -14.99
CA GLU A 97 9.84 -13.36 -13.85
C GLU A 97 10.68 -14.52 -13.34
N CYS A 98 11.97 -14.26 -13.17
CA CYS A 98 12.87 -15.19 -12.50
C CYS A 98 12.80 -14.92 -10.99
N GLN A 99 12.55 -15.97 -10.21
CA GLN A 99 12.23 -15.83 -8.80
C GLN A 99 13.08 -16.75 -7.95
N VAL A 100 13.56 -16.23 -6.83
CA VAL A 100 14.37 -16.99 -5.88
C VAL A 100 13.57 -17.14 -4.58
N SER A 101 13.71 -18.29 -3.94
CA SER A 101 12.92 -18.70 -2.78
C SER A 101 13.20 -17.89 -1.51
N THR A 102 13.97 -16.82 -1.52
CA THR A 102 14.24 -16.09 -0.29
C THR A 102 12.98 -15.34 0.17
N GLU A 103 13.06 -14.79 1.38
CA GLU A 103 11.97 -14.02 1.95
C GLU A 103 12.48 -12.70 2.53
N PRO A 104 12.10 -11.57 1.90
CA PRO A 104 11.23 -11.58 0.72
C PRO A 104 11.97 -12.08 -0.52
N LYS A 105 11.22 -12.53 -1.52
CA LYS A 105 11.85 -13.09 -2.72
C LYS A 105 12.48 -11.97 -3.55
N ILE A 106 13.59 -12.32 -4.21
CA ILE A 106 14.25 -11.44 -5.17
C ILE A 106 13.85 -11.89 -6.57
N SER A 107 13.39 -10.95 -7.39
CA SER A 107 12.87 -11.26 -8.71
C SER A 107 13.68 -10.53 -9.78
N GLN A 108 13.40 -10.87 -11.03
CA GLN A 108 14.03 -10.22 -12.18
C GLN A 108 13.09 -10.37 -13.36
N GLY A 109 12.53 -9.25 -13.82
CA GLY A 109 11.49 -9.29 -14.84
C GLY A 109 11.99 -9.32 -16.27
N PHE A 110 11.92 -10.48 -16.90
CA PHE A 110 12.21 -10.61 -18.32
C PHE A 110 10.96 -10.30 -19.14
N ARG A 111 11.19 -9.76 -20.34
CA ARG A 111 10.10 -9.37 -21.23
C ARG A 111 10.32 -10.04 -22.58
N LEU A 112 9.60 -11.12 -22.84
CA LEU A 112 9.70 -11.85 -24.09
C LEU A 112 8.71 -11.30 -25.10
N ASN A 113 9.19 -11.04 -26.32
CA ASN A 113 8.36 -10.55 -27.41
C ASN A 113 8.60 -11.41 -28.64
N VAL A 114 7.61 -12.22 -29.00
CA VAL A 114 7.69 -13.10 -30.15
C VAL A 114 7.02 -12.42 -31.33
N VAL A 115 7.65 -12.50 -32.51
CA VAL A 115 7.13 -11.89 -33.72
C VAL A 115 7.09 -12.94 -34.82
N VAL A 116 6.18 -12.75 -35.76
CA VAL A 116 6.07 -13.62 -36.93
C VAL A 116 6.99 -13.09 -38.01
N SER A 117 7.89 -13.94 -38.50
CA SER A 117 8.85 -13.58 -39.54
C SER A 117 8.69 -14.54 -40.70
N ARG A 118 8.11 -14.06 -41.79
CA ARG A 118 7.82 -14.89 -42.96
C ARG A 118 8.71 -14.50 -44.12
N ALA A 119 9.12 -15.50 -44.90
CA ALA A 119 9.90 -15.30 -46.12
C ALA A 119 9.00 -15.43 -47.33
N LYS A 120 9.37 -14.75 -48.41
CA LYS A 120 8.59 -14.77 -49.63
C LYS A 120 9.52 -14.80 -50.83
N ILE A 121 9.02 -15.36 -51.94
CA ILE A 121 9.75 -15.44 -53.20
C ILE A 121 8.97 -14.63 -54.23
N LEU A 122 9.53 -13.52 -54.67
CA LEU A 122 8.86 -12.67 -55.64
C LEU A 122 8.42 -13.49 -56.86
N GLY A 123 7.25 -13.15 -57.39
CA GLY A 123 6.70 -13.81 -58.55
C GLY A 123 5.54 -14.71 -58.17
N ASN A 124 5.04 -15.42 -59.19
CA ASN A 124 3.92 -16.33 -58.98
C ASN A 124 4.33 -17.47 -58.06
N ALA A 125 3.39 -17.92 -57.23
CA ALA A 125 3.66 -19.07 -56.38
C ALA A 125 3.91 -20.33 -57.21
N GLU A 126 3.38 -20.38 -58.43
CA GLU A 126 3.56 -21.51 -59.32
C GLU A 126 4.01 -20.98 -60.68
N LEU A 127 5.21 -21.36 -61.10
CA LEU A 127 5.82 -20.85 -62.31
C LEU A 127 5.80 -21.90 -63.41
N PHE A 128 5.67 -21.43 -64.66
CA PHE A 128 5.71 -22.28 -65.85
C PHE A 128 6.65 -21.61 -66.84
N ILE A 129 7.81 -22.22 -67.08
CA ILE A 129 8.80 -21.67 -68.00
C ILE A 129 9.14 -22.72 -69.06
N LYS A 130 9.39 -22.22 -70.27
CA LYS A 130 9.74 -23.10 -71.38
C LYS A 130 11.16 -23.64 -71.21
N SER A 131 11.34 -24.92 -71.55
CA SER A 131 12.66 -25.52 -71.49
C SER A 131 13.64 -24.71 -72.34
N GLY A 132 14.85 -24.53 -71.81
CA GLY A 132 15.85 -23.68 -72.41
C GLY A 132 15.90 -22.28 -71.81
N SER A 133 14.79 -21.81 -71.25
CA SER A 133 14.77 -20.52 -70.57
C SER A 133 15.33 -20.67 -69.15
N ASP A 134 15.65 -19.53 -68.55
CA ASP A 134 16.28 -19.50 -67.24
C ASP A 134 15.25 -19.46 -66.13
N ILE A 135 15.71 -19.80 -64.93
CA ILE A 135 14.90 -19.72 -63.71
C ILE A 135 15.52 -18.68 -62.80
N ASN A 136 14.69 -17.81 -62.25
CA ASN A 136 15.12 -16.74 -61.35
C ASN A 136 14.19 -16.71 -60.15
N LEU A 137 14.68 -17.16 -59.00
CA LEU A 137 13.91 -17.18 -57.76
C LEU A 137 14.60 -16.26 -56.76
N THR A 138 13.99 -15.11 -56.50
CA THR A 138 14.50 -14.13 -55.56
C THR A 138 13.71 -14.25 -54.26
N CYS A 139 14.42 -14.47 -53.15
CA CYS A 139 13.81 -14.74 -51.86
C CYS A 139 14.08 -13.60 -50.89
N LEU A 140 13.07 -13.21 -50.14
CA LEU A 140 13.16 -12.11 -49.19
C LEU A 140 12.81 -12.61 -47.78
N ALA A 141 13.58 -12.15 -46.80
CA ALA A 141 13.33 -12.43 -45.39
C ALA A 141 13.39 -11.11 -44.61
N MET A 142 12.49 -10.19 -44.96
CA MET A 142 12.50 -8.85 -44.41
C MET A 142 11.84 -8.74 -43.04
N GLN A 143 11.14 -9.78 -42.60
CA GLN A 143 10.39 -9.68 -41.34
C GLN A 143 11.27 -9.94 -40.13
N SER A 144 12.32 -10.73 -40.27
CA SER A 144 13.13 -11.12 -39.13
C SER A 144 13.78 -9.89 -38.49
N PRO A 145 14.00 -9.92 -37.17
CA PRO A 145 14.69 -8.79 -36.54
C PRO A 145 16.18 -8.76 -36.83
N VAL A 146 16.84 -9.92 -36.79
CA VAL A 146 18.26 -10.02 -37.11
C VAL A 146 18.41 -10.61 -38.49
N PRO A 147 19.34 -10.10 -39.31
CA PRO A 147 19.53 -10.67 -40.65
C PRO A 147 19.94 -12.13 -40.56
N PRO A 148 19.42 -12.97 -41.46
CA PRO A 148 19.70 -14.41 -41.36
C PRO A 148 21.19 -14.69 -41.48
N SER A 149 21.65 -15.70 -40.72
CA SER A 149 23.03 -16.15 -40.81
C SER A 149 23.24 -17.19 -41.89
N PHE A 150 22.17 -17.69 -42.50
CA PHE A 150 22.25 -18.63 -43.61
C PHE A 150 20.86 -18.73 -44.25
N ILE A 151 20.84 -19.13 -45.51
CA ILE A 151 19.59 -19.30 -46.25
C ILE A 151 19.69 -20.59 -47.05
N TYR A 152 18.84 -21.56 -46.71
CA TYR A 152 18.82 -22.83 -47.40
C TYR A 152 18.00 -22.74 -48.69
N TRP A 153 18.41 -23.52 -49.69
CA TRP A 153 17.64 -23.71 -50.92
C TRP A 153 17.39 -25.20 -51.08
N TYR A 154 16.16 -25.62 -50.87
CA TYR A 154 15.78 -27.04 -50.93
C TYR A 154 15.14 -27.33 -52.29
N LYS A 155 15.76 -28.26 -53.03
CA LYS A 155 15.17 -28.79 -54.26
C LYS A 155 14.25 -29.93 -53.85
N GLY A 156 13.00 -29.60 -53.56
CA GLY A 156 12.08 -30.57 -53.01
C GLY A 156 12.36 -30.83 -51.55
N LYS A 157 13.24 -31.78 -51.26
CA LYS A 157 13.62 -32.10 -49.90
C LYS A 157 15.13 -32.11 -49.65
N ARG A 158 15.96 -32.25 -50.67
CA ARG A 158 17.40 -32.28 -50.50
C ARG A 158 17.99 -30.89 -50.70
N VAL A 159 19.05 -30.60 -49.94
CA VAL A 159 19.68 -29.29 -49.99
C VAL A 159 20.32 -29.08 -51.36
N MET A 160 20.15 -27.89 -51.91
CA MET A 160 20.78 -27.54 -53.19
C MET A 160 22.22 -27.09 -52.97
N ASN A 161 23.09 -27.50 -53.88
CA ASN A 161 24.49 -27.08 -53.86
C ASN A 161 24.85 -26.56 -55.24
N TYR A 162 25.38 -25.34 -55.29
CA TYR A 162 25.70 -24.71 -56.58
C TYR A 162 26.54 -25.62 -57.46
N SER A 163 27.28 -26.56 -56.88
CA SER A 163 28.13 -27.47 -57.64
C SER A 163 27.40 -28.72 -58.12
N GLN A 164 26.19 -28.98 -57.61
CA GLN A 164 25.47 -30.18 -58.00
C GLN A 164 25.00 -30.15 -59.44
N ARG A 165 24.96 -28.97 -60.06
CA ARG A 165 24.46 -28.83 -61.41
C ARG A 165 25.10 -27.60 -62.05
N GLY A 166 25.46 -27.71 -63.32
CA GLY A 166 25.99 -26.58 -64.04
C GLY A 166 24.93 -25.53 -64.28
N GLY A 167 25.36 -24.28 -64.35
CA GLY A 167 24.44 -23.18 -64.59
C GLY A 167 23.62 -22.76 -63.39
N ILE A 168 24.18 -22.88 -62.19
CA ILE A 168 23.52 -22.43 -60.97
C ILE A 168 24.28 -21.22 -60.43
N ASN A 169 23.55 -20.13 -60.20
CA ASN A 169 24.12 -18.90 -59.66
C ASN A 169 23.33 -18.52 -58.42
N VAL A 170 24.00 -18.48 -57.27
CA VAL A 170 23.36 -18.21 -55.99
C VAL A 170 24.07 -17.02 -55.35
N ILE A 171 23.35 -15.92 -55.18
CA ILE A 171 23.85 -14.73 -54.49
C ILE A 171 23.04 -14.55 -53.23
N THR A 172 23.69 -14.69 -52.08
CA THR A 172 23.04 -14.52 -50.78
C THR A 172 23.67 -13.33 -50.08
N GLU A 173 22.82 -12.39 -49.64
CA GLU A 173 23.28 -11.18 -48.98
C GLU A 173 22.46 -10.99 -47.70
N ARG A 174 23.11 -11.19 -46.55
CA ARG A 174 22.44 -10.90 -45.28
C ARG A 174 22.20 -9.41 -45.08
N SER A 175 22.95 -8.56 -45.80
CA SER A 175 22.74 -7.13 -45.70
C SER A 175 21.36 -6.73 -46.24
N THR A 176 20.93 -7.37 -47.34
CA THR A 176 19.64 -7.10 -47.94
C THR A 176 18.59 -8.16 -47.60
N ARG A 177 18.95 -9.16 -46.79
CA ARG A 177 18.02 -10.22 -46.41
C ARG A 177 17.41 -10.87 -47.64
N THR A 178 18.25 -11.11 -48.65
CA THR A 178 17.80 -11.68 -49.91
C THR A 178 18.72 -12.82 -50.32
N SER A 179 18.22 -13.65 -51.24
CA SER A 179 19.01 -14.73 -51.83
C SER A 179 18.41 -15.04 -53.19
N LYS A 180 19.20 -14.84 -54.24
CA LYS A 180 18.74 -15.04 -55.61
C LYS A 180 19.32 -16.35 -56.15
N LEU A 181 18.43 -17.30 -56.45
CA LEU A 181 18.82 -18.57 -57.04
C LEU A 181 18.50 -18.54 -58.52
N LEU A 182 19.51 -18.78 -59.35
CA LEU A 182 19.40 -18.69 -60.80
C LEU A 182 19.80 -20.02 -61.41
N ILE A 183 18.88 -20.64 -62.15
CA ILE A 183 19.13 -21.90 -62.83
C ILE A 183 18.98 -21.65 -64.33
N ALA A 184 20.07 -21.84 -65.07
CA ALA A 184 20.10 -21.52 -66.49
C ALA A 184 19.63 -22.70 -67.33
N LYS A 185 18.95 -22.38 -68.43
CA LYS A 185 18.44 -23.39 -69.37
C LYS A 185 17.72 -24.51 -68.64
N ALA A 186 16.48 -24.27 -68.24
CA ALA A 186 15.72 -25.26 -67.49
C ALA A 186 15.53 -26.53 -68.32
N THR A 187 15.37 -27.64 -67.62
CA THR A 187 15.17 -28.95 -68.21
C THR A 187 14.03 -29.65 -67.49
N PRO A 188 13.44 -30.68 -68.10
CA PRO A 188 12.36 -31.41 -67.41
C PRO A 188 12.74 -31.88 -66.02
N ALA A 189 14.01 -32.26 -65.82
CA ALA A 189 14.44 -32.72 -64.50
C ALA A 189 14.44 -31.60 -63.47
N ASP A 190 14.53 -30.34 -63.90
CA ASP A 190 14.58 -29.21 -62.98
C ASP A 190 13.23 -28.85 -62.38
N SER A 191 12.18 -29.63 -62.66
CA SER A 191 10.87 -29.35 -62.11
C SER A 191 10.80 -29.75 -60.64
N GLY A 192 9.91 -29.09 -59.91
CA GLY A 192 9.74 -29.36 -58.49
C GLY A 192 9.54 -28.10 -57.67
N ASN A 193 9.16 -28.25 -56.41
CA ASN A 193 8.97 -27.11 -55.52
C ASN A 193 10.32 -26.71 -54.91
N TYR A 194 10.83 -25.55 -55.32
CA TYR A 194 12.04 -25.02 -54.72
C TYR A 194 11.68 -24.24 -53.45
N THR A 195 12.37 -24.53 -52.36
CA THR A 195 12.07 -23.95 -51.06
C THR A 195 13.21 -23.05 -50.60
N CYS A 196 12.84 -21.88 -50.09
CA CYS A 196 13.79 -20.93 -49.49
C CYS A 196 13.53 -20.90 -48.00
N SER A 197 14.50 -21.35 -47.22
CA SER A 197 14.38 -21.41 -45.76
C SER A 197 15.51 -20.62 -45.11
N PRO A 198 15.29 -19.36 -44.77
CA PRO A 198 16.32 -18.60 -44.03
C PRO A 198 16.40 -19.07 -42.59
N SER A 199 17.49 -18.68 -41.94
CA SER A 199 17.73 -19.12 -40.57
C SER A 199 16.71 -18.54 -39.60
N SER A 200 16.63 -17.20 -39.53
CA SER A 200 15.83 -16.51 -38.54
C SER A 200 14.40 -16.21 -39.03
N SER A 201 13.89 -17.00 -39.97
CA SER A 201 12.57 -16.72 -40.52
C SER A 201 11.90 -18.02 -40.95
N ASP A 202 10.64 -17.90 -41.34
CA ASP A 202 9.83 -19.04 -41.74
C ASP A 202 10.17 -19.45 -43.17
N SER A 203 9.53 -20.52 -43.64
CA SER A 203 9.81 -21.08 -44.95
C SER A 203 8.90 -20.46 -46.01
N ALA A 204 9.28 -20.69 -47.28
CA ALA A 204 8.52 -20.23 -48.43
C ALA A 204 9.00 -20.99 -49.65
N SER A 205 8.04 -21.46 -50.46
CA SER A 205 8.35 -22.34 -51.58
C SER A 205 7.68 -21.85 -52.85
N VAL A 206 8.15 -22.38 -53.98
CA VAL A 206 7.61 -22.06 -55.29
C VAL A 206 7.78 -23.29 -56.17
N VAL A 207 6.67 -23.75 -56.74
CA VAL A 207 6.66 -24.95 -57.58
C VAL A 207 6.89 -24.54 -59.03
N VAL A 208 7.71 -25.30 -59.72
CA VAL A 208 8.14 -24.99 -61.08
C VAL A 208 7.77 -26.14 -62.01
N HIS A 209 7.23 -25.80 -63.18
CA HIS A 209 6.92 -26.77 -64.22
C HIS A 209 7.56 -26.31 -65.53
N VAL A 210 7.96 -27.28 -66.34
CA VAL A 210 8.64 -27.00 -67.61
C VAL A 210 7.84 -27.65 -68.74
N ILE A 211 8.21 -27.27 -69.97
CA ILE A 211 7.61 -27.81 -71.17
C ILE A 211 8.72 -28.33 -72.08
N ASN A 212 8.34 -29.21 -72.99
CA ASN A 212 9.28 -29.80 -73.95
C ASN A 212 10.24 -30.76 -73.23
N PRO B 6 -1.63 -50.93 -20.46
CA PRO B 6 -3.06 -50.62 -20.35
C PRO B 6 -3.36 -49.15 -20.08
N ALA B 7 -2.94 -48.67 -18.90
CA ALA B 7 -3.15 -47.27 -18.54
C ALA B 7 -4.63 -46.98 -18.29
N GLU B 8 -4.92 -45.84 -17.67
CA GLU B 8 -6.29 -45.44 -17.37
C GLU B 8 -6.49 -43.99 -17.77
N VAL B 9 -7.74 -43.55 -17.71
CA VAL B 9 -8.12 -42.18 -18.04
C VAL B 9 -7.99 -41.32 -16.80
N ILE B 10 -7.52 -40.08 -16.99
CA ILE B 10 -7.36 -39.12 -15.91
C ILE B 10 -8.59 -38.23 -15.84
N VAL B 11 -9.06 -37.96 -14.62
CA VAL B 11 -10.25 -37.16 -14.42
C VAL B 11 -9.85 -35.69 -14.31
N ASP B 12 -10.83 -34.81 -14.55
CA ASP B 12 -10.57 -33.38 -14.57
C ASP B 12 -10.64 -32.81 -13.16
N PRO B 13 -9.52 -32.46 -12.53
CA PRO B 13 -9.58 -31.92 -11.17
C PRO B 13 -10.27 -30.56 -11.15
N LYS B 14 -11.12 -30.38 -10.14
CA LYS B 14 -11.88 -29.14 -9.97
C LYS B 14 -11.83 -28.73 -8.50
N PHE B 15 -12.10 -27.44 -8.26
CA PHE B 15 -12.18 -26.93 -6.90
C PHE B 15 -13.52 -27.32 -6.29
N SER B 16 -13.49 -28.01 -5.15
CA SER B 16 -14.72 -28.41 -4.49
C SER B 16 -15.54 -27.21 -4.07
N SER B 17 -14.90 -26.12 -3.68
CA SER B 17 -15.58 -24.92 -3.21
C SER B 17 -14.55 -23.79 -3.13
N PRO B 18 -14.99 -22.54 -3.18
CA PRO B 18 -14.06 -21.42 -3.09
C PRO B 18 -13.36 -21.38 -1.73
N ILE B 19 -12.22 -20.70 -1.71
CA ILE B 19 -11.47 -20.55 -0.47
C ILE B 19 -12.29 -19.71 0.51
N VAL B 20 -12.41 -20.19 1.74
CA VAL B 20 -13.19 -19.50 2.76
C VAL B 20 -12.34 -18.39 3.37
N ASN B 21 -12.92 -17.20 3.45
CA ASN B 21 -12.23 -16.07 4.06
C ASN B 21 -11.90 -16.36 5.51
N MET B 22 -10.77 -15.82 5.96
CA MET B 22 -10.28 -16.05 7.32
C MET B 22 -9.79 -14.74 7.91
N THR B 23 -10.26 -14.44 9.11
CA THR B 23 -9.75 -13.33 9.91
C THR B 23 -9.02 -13.90 11.12
N ALA B 24 -7.80 -13.43 11.36
CA ALA B 24 -6.98 -13.98 12.42
C ALA B 24 -6.39 -12.88 13.29
N PRO B 25 -6.26 -13.12 14.59
CA PRO B 25 -5.64 -12.11 15.46
C PRO B 25 -4.14 -12.02 15.25
N VAL B 26 -3.63 -10.80 15.27
CA VAL B 26 -2.20 -10.59 15.07
C VAL B 26 -1.41 -11.40 16.08
N GLY B 27 -0.27 -11.93 15.64
CA GLY B 27 0.59 -12.72 16.50
C GLY B 27 0.15 -14.17 16.70
N ARG B 28 -0.99 -14.57 16.13
CA ARG B 28 -1.49 -15.92 16.24
C ARG B 28 -1.27 -16.66 14.93
N ASP B 29 -1.99 -17.77 14.73
CA ASP B 29 -1.86 -18.60 13.55
C ASP B 29 -3.13 -18.52 12.70
N ALA B 30 -2.95 -18.66 11.39
CA ALA B 30 -4.04 -18.67 10.43
C ALA B 30 -3.90 -19.88 9.52
N PHE B 31 -5.02 -20.31 8.95
CA PHE B 31 -5.05 -21.52 8.14
C PHE B 31 -5.86 -21.25 6.87
N LEU B 32 -5.17 -21.15 5.74
CA LEU B 32 -5.81 -21.06 4.43
C LEU B 32 -5.94 -22.47 3.86
N THR B 33 -7.18 -22.89 3.59
CA THR B 33 -7.45 -24.21 3.06
C THR B 33 -8.05 -24.10 1.67
N CYS B 34 -7.75 -25.10 0.84
CA CYS B 34 -8.23 -25.17 -0.53
C CYS B 34 -8.61 -26.61 -0.83
N VAL B 35 -9.87 -26.83 -1.20
CA VAL B 35 -10.41 -28.17 -1.40
C VAL B 35 -10.53 -28.42 -2.90
N VAL B 36 -10.06 -29.59 -3.35
CA VAL B 36 -10.12 -29.97 -4.76
C VAL B 36 -10.71 -31.37 -4.86
N GLN B 37 -11.13 -31.71 -6.08
CA GLN B 37 -11.66 -33.03 -6.39
C GLN B 37 -10.83 -33.66 -7.50
N ASP B 38 -10.59 -34.97 -7.38
CA ASP B 38 -9.91 -35.74 -8.41
C ASP B 38 -8.60 -35.06 -8.83
N LEU B 39 -7.83 -34.62 -7.83
CA LEU B 39 -6.53 -34.02 -8.13
C LEU B 39 -5.66 -34.95 -8.94
N GLY B 40 -5.61 -36.22 -8.56
CA GLY B 40 -4.83 -37.21 -9.27
C GLY B 40 -3.38 -36.81 -9.38
N PRO B 41 -2.84 -36.86 -10.61
CA PRO B 41 -1.42 -36.56 -10.81
C PRO B 41 -1.09 -35.09 -10.74
N TYR B 42 -2.08 -34.21 -10.72
CA TYR B 42 -1.82 -32.78 -10.74
C TYR B 42 -1.41 -32.28 -9.35
N LYS B 43 -0.86 -31.07 -9.31
CA LYS B 43 -0.26 -30.51 -8.11
C LYS B 43 -0.94 -29.21 -7.74
N VAL B 44 -1.09 -28.98 -6.43
CA VAL B 44 -1.67 -27.74 -5.90
C VAL B 44 -0.55 -26.82 -5.45
N ALA B 45 -0.76 -25.51 -5.63
CA ALA B 45 0.25 -24.53 -5.25
C ALA B 45 -0.43 -23.35 -4.56
N TRP B 46 0.25 -22.81 -3.55
CA TRP B 46 -0.17 -21.61 -2.86
C TRP B 46 0.79 -20.46 -3.19
N LEU B 47 0.23 -19.31 -3.55
CA LEU B 47 1.06 -18.16 -3.88
C LEU B 47 0.47 -16.91 -3.25
N ARG B 48 1.35 -16.00 -2.84
CA ARG B 48 0.94 -14.67 -2.39
C ARG B 48 0.69 -13.81 -3.62
N VAL B 49 -0.52 -13.25 -3.73
CA VAL B 49 -0.93 -12.62 -4.98
C VAL B 49 -0.20 -11.29 -5.19
N ASP B 50 -0.34 -10.37 -4.24
CA ASP B 50 0.22 -9.03 -4.45
C ASP B 50 1.73 -9.09 -4.67
N THR B 51 2.43 -9.91 -3.88
CA THR B 51 3.86 -10.06 -4.07
C THR B 51 4.19 -11.02 -5.21
N GLN B 52 3.22 -11.81 -5.66
CA GLN B 52 3.45 -12.85 -6.66
C GLN B 52 4.64 -13.74 -6.25
N THR B 53 4.55 -14.27 -5.03
CA THR B 53 5.59 -15.11 -4.46
C THR B 53 5.09 -16.54 -4.33
N ILE B 54 5.92 -17.49 -4.72
CA ILE B 54 5.58 -18.91 -4.60
C ILE B 54 5.77 -19.33 -3.15
N LEU B 55 4.75 -19.96 -2.58
CA LEU B 55 4.77 -20.40 -1.18
C LEU B 55 4.92 -21.91 -1.05
N THR B 56 3.99 -22.69 -1.62
CA THR B 56 4.03 -24.12 -1.50
C THR B 56 3.65 -24.76 -2.82
N ILE B 57 4.18 -25.97 -3.04
CA ILE B 57 3.81 -26.84 -4.15
C ILE B 57 3.70 -28.25 -3.59
N GLN B 58 2.53 -28.86 -3.73
CA GLN B 58 2.22 -30.16 -3.13
CA GLN B 58 2.24 -30.16 -3.13
C GLN B 58 2.49 -30.07 -1.62
N ASN B 59 3.44 -30.83 -1.07
CA ASN B 59 3.76 -30.82 0.35
C ASN B 59 5.10 -30.15 0.64
N HIS B 60 5.60 -29.33 -0.28
CA HIS B 60 6.89 -28.68 -0.15
C HIS B 60 6.70 -27.19 -0.01
N VAL B 61 7.37 -26.59 0.98
CA VAL B 61 7.34 -25.16 1.20
C VAL B 61 8.54 -24.56 0.47
N ILE B 62 8.28 -23.94 -0.67
CA ILE B 62 9.36 -23.36 -1.46
C ILE B 62 9.96 -22.15 -0.75
N THR B 63 9.10 -21.24 -0.27
CA THR B 63 9.57 -20.02 0.36
C THR B 63 10.36 -20.33 1.62
N LYS B 64 11.39 -19.53 1.88
CA LYS B 64 12.20 -19.68 3.08
C LYS B 64 11.52 -19.09 4.32
N ASN B 65 10.36 -18.46 4.16
CA ASN B 65 9.60 -17.96 5.30
C ASN B 65 9.30 -19.11 6.26
N GLN B 66 10.01 -19.17 7.38
CA GLN B 66 9.86 -20.28 8.30
C GLN B 66 8.50 -20.31 8.99
N ARG B 67 7.68 -19.28 8.81
CA ARG B 67 6.34 -19.25 9.37
C ARG B 67 5.30 -19.89 8.47
N ILE B 68 5.70 -20.42 7.32
CA ILE B 68 4.78 -21.00 6.34
C ILE B 68 4.87 -22.51 6.41
N GLY B 69 3.71 -23.17 6.44
CA GLY B 69 3.65 -24.62 6.37
C GLY B 69 2.44 -25.04 5.57
N ILE B 70 2.45 -26.32 5.18
CA ILE B 70 1.37 -26.88 4.37
C ILE B 70 1.12 -28.32 4.77
N ALA B 71 -0.10 -28.78 4.52
CA ALA B 71 -0.51 -30.14 4.81
C ALA B 71 -1.83 -30.41 4.09
N ASN B 72 -2.01 -31.66 3.67
CA ASN B 72 -3.19 -32.05 2.90
C ASN B 72 -3.86 -33.24 3.57
N SER B 73 -5.13 -33.45 3.20
CA SER B 73 -5.92 -34.58 3.68
C SER B 73 -6.49 -35.31 2.46
N GLU B 74 -6.00 -36.53 2.23
CA GLU B 74 -6.48 -37.36 1.13
C GLU B 74 -6.28 -36.68 -0.22
N HIS B 75 -5.31 -35.78 -0.31
CA HIS B 75 -5.04 -35.00 -1.52
C HIS B 75 -6.25 -34.18 -1.95
N LYS B 76 -7.20 -33.94 -1.05
CA LYS B 76 -8.37 -33.12 -1.32
C LYS B 76 -8.27 -31.76 -0.67
N THR B 77 -8.09 -31.72 0.65
CA THR B 77 -8.02 -30.48 1.41
C THR B 77 -6.55 -30.11 1.61
N TRP B 78 -6.14 -29.00 1.02
CA TRP B 78 -4.77 -28.50 1.13
C TRP B 78 -4.78 -27.24 1.96
N THR B 79 -4.10 -27.27 3.11
CA THR B 79 -4.17 -26.22 4.11
C THR B 79 -2.77 -25.63 4.33
N MET B 80 -2.64 -24.33 4.14
CA MET B 80 -1.39 -23.62 4.41
C MET B 80 -1.49 -22.93 5.77
N ARG B 81 -0.47 -23.11 6.59
CA ARG B 81 -0.42 -22.57 7.94
C ARG B 81 0.61 -21.46 8.03
N ILE B 82 0.20 -20.32 8.57
CA ILE B 82 1.08 -19.17 8.77
C ILE B 82 1.16 -18.91 10.27
N LYS B 83 2.35 -19.05 10.84
CA LYS B 83 2.56 -18.86 12.27
C LYS B 83 2.94 -17.42 12.57
N ASP B 84 2.57 -16.96 13.76
CA ASP B 84 2.87 -15.61 14.22
C ASP B 84 2.42 -14.58 13.19
N ILE B 85 1.11 -14.55 12.97
CA ILE B 85 0.54 -13.69 11.94
C ILE B 85 1.02 -12.25 12.13
N LYS B 86 1.38 -11.61 11.02
CA LYS B 86 1.71 -10.20 10.98
C LYS B 86 0.69 -9.48 10.11
N GLU B 87 0.57 -8.16 10.33
CA GLU B 87 -0.30 -7.37 9.47
C GLU B 87 0.17 -7.43 8.02
N SER B 88 1.47 -7.64 7.80
CA SER B 88 1.98 -7.83 6.45
C SER B 88 1.29 -9.02 5.78
N ASP B 89 1.01 -10.07 6.55
CA ASP B 89 0.45 -11.30 6.00
C ASP B 89 -0.96 -11.12 5.45
N LYS B 90 -1.64 -10.03 5.77
CA LYS B 90 -2.97 -9.81 5.22
C LYS B 90 -2.88 -9.55 3.72
N GLY B 91 -3.88 -10.03 3.00
CA GLY B 91 -3.94 -9.87 1.57
C GLY B 91 -4.52 -11.11 0.92
N TRP B 92 -4.45 -11.15 -0.40
CA TRP B 92 -5.03 -12.24 -1.18
C TRP B 92 -4.01 -13.35 -1.40
N TYR B 93 -4.47 -14.59 -1.32
CA TYR B 93 -3.67 -15.77 -1.59
C TYR B 93 -4.36 -16.59 -2.67
N MET B 94 -3.55 -17.27 -3.49
CA MET B 94 -4.04 -17.98 -4.66
C MET B 94 -3.76 -19.48 -4.53
N CYS B 95 -4.78 -20.28 -4.83
CA CYS B 95 -4.67 -21.73 -4.89
C CYS B 95 -4.70 -22.14 -6.36
N GLN B 96 -3.59 -22.71 -6.84
CA GLN B 96 -3.38 -22.96 -8.25
C GLN B 96 -3.14 -24.44 -8.51
N ILE B 97 -3.84 -24.97 -9.52
CA ILE B 97 -3.63 -26.33 -10.00
C ILE B 97 -2.97 -26.25 -11.37
N ASN B 98 -1.98 -27.11 -11.59
CA ASN B 98 -1.25 -27.11 -12.87
C ASN B 98 -1.99 -27.84 -13.97
N THR B 99 -3.31 -27.70 -14.05
CA THR B 99 -4.08 -28.33 -15.11
C THR B 99 -3.73 -27.68 -16.44
N ASP B 100 -4.43 -28.07 -17.50
CA ASP B 100 -4.21 -27.50 -18.82
C ASP B 100 -5.55 -27.24 -19.49
N PRO B 101 -5.99 -25.97 -19.48
CA PRO B 101 -5.26 -24.82 -18.94
C PRO B 101 -5.19 -24.80 -17.42
N MET B 102 -4.46 -23.83 -16.88
CA MET B 102 -4.27 -23.73 -15.44
C MET B 102 -5.51 -23.17 -14.77
N LYS B 103 -5.85 -23.74 -13.61
CA LYS B 103 -6.96 -23.28 -12.79
C LYS B 103 -6.41 -22.64 -11.52
N SER B 104 -7.18 -21.69 -10.97
CA SER B 104 -6.75 -21.01 -9.77
C SER B 104 -7.95 -20.43 -9.04
N GLN B 105 -7.87 -20.42 -7.72
CA GLN B 105 -8.82 -19.77 -6.84
C GLN B 105 -8.08 -18.78 -5.94
N MET B 106 -8.85 -17.95 -5.23
CA MET B 106 -8.27 -16.97 -4.34
C MET B 106 -9.10 -16.85 -3.07
N GLY B 107 -8.44 -16.42 -2.01
CA GLY B 107 -9.10 -16.17 -0.75
C GLY B 107 -8.31 -15.14 0.03
N TYR B 108 -9.03 -14.36 0.84
CA TYR B 108 -8.43 -13.25 1.56
C TYR B 108 -8.21 -13.62 3.03
N LEU B 109 -7.01 -13.32 3.52
CA LEU B 109 -6.68 -13.46 4.93
C LEU B 109 -6.58 -12.05 5.54
N ASP B 110 -7.34 -11.82 6.60
CA ASP B 110 -7.36 -10.53 7.28
C ASP B 110 -6.78 -10.67 8.68
N VAL B 111 -6.01 -9.67 9.09
CA VAL B 111 -5.39 -9.63 10.41
C VAL B 111 -6.08 -8.53 11.21
N VAL B 112 -6.64 -8.89 12.36
CA VAL B 112 -7.29 -7.95 13.26
C VAL B 112 -6.29 -7.54 14.33
N VAL B 113 -6.26 -6.25 14.65
CA VAL B 113 -5.35 -5.73 15.67
C VAL B 113 -6.14 -4.86 16.63
N PRO B 114 -5.91 -4.98 17.95
CA PRO B 114 -6.59 -4.09 18.88
C PRO B 114 -6.10 -2.67 18.72
N PRO B 115 -6.95 -1.68 18.97
CA PRO B 115 -6.57 -0.28 18.69
C PRO B 115 -5.46 0.20 19.61
N ASP B 116 -4.66 1.12 19.09
CA ASP B 116 -3.58 1.75 19.85
C ASP B 116 -3.49 3.21 19.44
N ILE B 117 -3.44 4.10 20.43
CA ILE B 117 -3.41 5.53 20.17
C ILE B 117 -1.96 5.98 19.95
N LEU B 118 -1.76 6.80 18.93
CA LEU B 118 -0.42 7.25 18.54
C LEU B 118 -0.09 8.56 19.25
N ASP B 119 1.10 8.62 19.85
CA ASP B 119 1.53 9.82 20.57
C ASP B 119 1.67 11.02 19.65
N TYR B 120 2.56 10.92 18.67
CA TYR B 120 2.83 12.07 17.80
C TYR B 120 1.56 12.69 17.21
N PRO B 121 0.74 11.98 16.42
CA PRO B 121 -0.41 12.62 15.79
C PRO B 121 -1.53 12.99 16.75
N THR B 122 -1.42 12.66 18.04
CA THR B 122 -2.47 12.92 19.00
C THR B 122 -2.10 14.09 19.89
N SER B 123 -3.07 14.98 20.12
CA SER B 123 -2.83 16.19 20.89
C SER B 123 -2.33 15.85 22.29
N THR B 124 -1.42 16.70 22.80
CA THR B 124 -0.87 16.53 24.13
C THR B 124 -1.70 17.28 25.16
N ASP B 125 -1.20 18.44 25.60
CA ASP B 125 -1.92 19.31 26.53
C ASP B 125 -2.09 20.67 25.87
N MET B 126 -3.31 21.00 25.48
CA MET B 126 -3.56 22.20 24.69
C MET B 126 -3.70 23.41 25.59
N VAL B 127 -3.17 24.53 25.12
CA VAL B 127 -3.27 25.82 25.80
C VAL B 127 -3.63 26.87 24.76
N VAL B 128 -4.89 27.28 24.73
CA VAL B 128 -5.40 28.18 23.71
C VAL B 128 -6.09 29.36 24.38
N ARG B 129 -5.97 30.53 23.77
CA ARG B 129 -6.62 31.72 24.29
C ARG B 129 -8.10 31.71 23.94
N GLU B 130 -8.92 32.12 24.90
CA GLU B 130 -10.36 32.20 24.67
C GLU B 130 -10.64 33.10 23.47
N GLY B 131 -11.59 32.66 22.64
CA GLY B 131 -11.98 33.38 21.45
C GLY B 131 -11.43 32.79 20.16
N SER B 132 -10.21 32.27 20.18
CA SER B 132 -9.67 31.60 19.02
C SER B 132 -10.30 30.21 18.88
N ASN B 133 -9.86 29.46 17.89
CA ASN B 133 -10.35 28.11 17.65
C ASN B 133 -9.21 27.11 17.81
N VAL B 134 -9.59 25.88 18.11
CA VAL B 134 -8.65 24.79 18.31
C VAL B 134 -9.35 23.49 17.95
N THR B 135 -8.56 22.51 17.51
CA THR B 135 -9.07 21.17 17.23
C THR B 135 -8.26 20.17 18.04
N LEU B 136 -8.93 19.43 18.91
CA LEU B 136 -8.30 18.32 19.60
C LEU B 136 -8.23 17.13 18.66
N LYS B 137 -7.06 16.53 18.53
CA LYS B 137 -6.81 15.48 17.57
C LYS B 137 -6.43 14.19 18.28
N CYS B 138 -6.92 13.07 17.74
CA CYS B 138 -6.60 11.77 18.31
C CYS B 138 -6.54 10.75 17.18
N ALA B 139 -5.39 10.13 16.99
CA ALA B 139 -5.16 9.16 15.93
C ALA B 139 -4.76 7.82 16.54
N ALA B 140 -5.36 6.75 16.04
CA ALA B 140 -5.07 5.41 16.51
C ALA B 140 -4.85 4.48 15.33
N THR B 141 -4.18 3.36 15.61
CA THR B 141 -3.97 2.30 14.64
C THR B 141 -4.65 1.02 15.11
N GLY B 142 -5.05 0.19 14.17
CA GLY B 142 -5.69 -1.07 14.49
C GLY B 142 -6.49 -1.58 13.33
N SER B 143 -6.80 -2.87 13.40
CA SER B 143 -7.59 -3.53 12.37
C SER B 143 -8.84 -4.18 12.97
N PRO B 144 -10.02 -3.74 12.51
CA PRO B 144 -10.16 -2.74 11.45
C PRO B 144 -9.86 -1.31 11.90
N GLU B 145 -10.15 -0.35 11.05
CA GLU B 145 -9.93 1.07 11.35
C GLU B 145 -10.67 1.45 12.63
N PRO B 146 -9.97 1.86 13.68
CA PRO B 146 -10.65 2.19 14.93
C PRO B 146 -11.54 3.42 14.80
N THR B 147 -12.57 3.47 15.63
CA THR B 147 -13.43 4.63 15.75
C THR B 147 -12.98 5.48 16.91
N ILE B 148 -13.01 6.80 16.73
CA ILE B 148 -12.54 7.76 17.72
C ILE B 148 -13.75 8.46 18.34
N THR B 149 -13.90 8.32 19.65
CA THR B 149 -15.01 8.92 20.38
C THR B 149 -14.46 9.90 21.43
N TRP B 150 -14.94 11.13 21.38
CA TRP B 150 -14.55 12.16 22.33
C TRP B 150 -15.60 12.27 23.43
N ARG B 151 -15.14 12.30 24.68
CA ARG B 151 -16.00 12.53 25.83
C ARG B 151 -15.33 13.49 26.78
N ARG B 152 -16.11 14.38 27.39
CA ARG B 152 -15.60 15.27 28.41
C ARG B 152 -15.63 14.56 29.77
N GLU B 153 -14.51 14.59 30.48
CA GLU B 153 -14.42 13.94 31.77
C GLU B 153 -15.46 14.52 32.73
N SER B 154 -15.98 13.65 33.59
CA SER B 154 -16.95 14.03 34.62
C SER B 154 -18.33 14.32 34.05
N GLY B 155 -18.68 13.63 32.95
CA GLY B 155 -20.02 13.71 32.41
C GLY B 155 -20.41 15.03 31.77
N VAL B 156 -19.48 15.96 31.62
CA VAL B 156 -19.83 17.27 31.06
C VAL B 156 -20.15 17.10 29.58
N PRO B 157 -21.27 17.64 29.09
CA PRO B 157 -21.64 17.43 27.69
C PRO B 157 -20.80 18.29 26.75
N ILE B 158 -20.96 18.01 25.45
CA ILE B 158 -20.30 18.75 24.37
C ILE B 158 -21.38 19.29 23.46
N GLU B 159 -21.16 20.49 22.93
CA GLU B 159 -22.11 21.17 22.07
C GLU B 159 -21.62 21.15 20.63
N LEU B 160 -22.49 20.75 19.71
CA LEU B 160 -22.15 20.73 18.29
C LEU B 160 -22.23 22.14 17.73
N ALA B 161 -22.02 22.26 16.41
CA ALA B 161 -22.14 23.55 15.75
C ALA B 161 -23.58 24.05 15.77
N THR B 162 -24.55 23.14 15.81
CA THR B 162 -25.96 23.52 15.81
C THR B 162 -26.45 24.00 17.17
N GLY B 163 -25.64 23.88 18.21
CA GLY B 163 -26.06 24.20 19.56
C GLY B 163 -26.56 23.03 20.36
N GLU B 164 -26.81 21.89 19.73
CA GLU B 164 -27.26 20.70 20.43
C GLU B 164 -26.16 20.16 21.34
N GLU B 165 -26.54 19.77 22.55
CA GLU B 165 -25.61 19.19 23.51
C GLU B 165 -25.66 17.67 23.43
N VAL B 166 -24.48 17.04 23.41
CA VAL B 166 -24.37 15.60 23.34
C VAL B 166 -23.26 15.14 24.29
N MET B 167 -23.27 13.85 24.60
CA MET B 167 -22.30 13.29 25.53
C MET B 167 -21.04 12.77 24.84
N SER B 168 -21.11 12.45 23.55
CA SER B 168 -19.97 11.93 22.82
C SER B 168 -19.95 12.51 21.41
N ILE B 169 -18.76 12.59 20.83
CA ILE B 169 -18.56 13.01 19.45
C ILE B 169 -17.58 12.05 18.80
N GLU B 170 -17.96 11.51 17.65
CA GLU B 170 -17.07 10.65 16.89
C GLU B 170 -16.24 11.47 15.91
N GLY B 171 -15.08 10.91 15.54
CA GLY B 171 -14.18 11.58 14.64
C GLY B 171 -12.81 11.80 15.25
N THR B 172 -11.76 11.67 14.45
CA THR B 172 -10.41 11.88 14.96
C THR B 172 -10.16 13.32 15.37
N ASP B 173 -10.95 14.27 14.87
CA ASP B 173 -10.76 15.69 15.13
C ASP B 173 -11.97 16.23 15.89
N LEU B 174 -11.72 16.80 17.07
CA LEU B 174 -12.75 17.50 17.84
C LEU B 174 -12.55 18.99 17.62
N VAL B 175 -13.26 19.53 16.63
CA VAL B 175 -13.10 20.93 16.24
C VAL B 175 -13.91 21.80 17.21
N ILE B 176 -13.22 22.68 17.92
CA ILE B 176 -13.87 23.63 18.82
C ILE B 176 -13.70 25.04 18.26
N PRO B 177 -14.63 25.53 17.44
CA PRO B 177 -14.57 26.92 16.99
C PRO B 177 -15.02 27.85 18.11
N ASN B 178 -14.23 28.90 18.35
CA ASN B 178 -14.52 29.87 19.40
C ASN B 178 -14.51 29.19 20.77
N VAL B 179 -13.30 28.87 21.22
CA VAL B 179 -13.14 28.24 22.52
C VAL B 179 -13.64 29.19 23.61
N ARG B 180 -13.93 28.63 24.78
CA ARG B 180 -14.51 29.39 25.87
C ARG B 180 -13.93 28.90 27.19
N ARG B 181 -14.21 29.67 28.26
CA ARG B 181 -13.78 29.27 29.59
C ARG B 181 -14.24 27.86 29.92
N HIS B 182 -15.54 27.59 29.76
CA HIS B 182 -16.11 26.32 30.18
C HIS B 182 -15.57 25.13 29.38
N HIS B 183 -15.00 25.37 28.19
CA HIS B 183 -14.38 24.28 27.46
C HIS B 183 -13.10 23.77 28.11
N MET B 184 -12.56 24.52 29.08
CA MET B 184 -11.35 24.08 29.76
C MET B 184 -11.64 22.87 30.63
N GLY B 185 -10.74 21.90 30.59
CA GLY B 185 -10.88 20.69 31.37
C GLY B 185 -10.19 19.53 30.68
N ALA B 186 -10.44 18.34 31.21
CA ALA B 186 -9.83 17.11 30.72
C ALA B 186 -10.79 16.40 29.77
N TYR B 187 -10.30 16.06 28.58
CA TYR B 187 -11.07 15.37 27.56
C TYR B 187 -10.57 13.94 27.41
N LEU B 188 -11.48 13.03 27.09
CA LEU B 188 -11.18 11.62 26.90
C LEU B 188 -11.30 11.27 25.43
N CYS B 189 -10.22 10.74 24.85
CA CYS B 189 -10.26 10.15 23.53
C CYS B 189 -10.38 8.63 23.67
N ILE B 190 -11.29 8.05 22.93
CA ILE B 190 -11.56 6.61 22.99
C ILE B 190 -11.42 6.03 21.59
N ALA B 191 -10.62 4.98 21.47
CA ALA B 191 -10.44 4.27 20.21
C ALA B 191 -10.90 2.83 20.40
N SER B 192 -11.81 2.38 19.54
CA SER B 192 -12.35 1.04 19.61
C SER B 192 -12.62 0.53 18.21
N ASN B 193 -12.43 -0.79 18.02
CA ASN B 193 -12.65 -1.41 16.72
C ASN B 193 -13.29 -2.79 16.84
N GLY B 194 -13.87 -3.12 18.00
CA GLY B 194 -14.39 -4.44 18.23
C GLY B 194 -13.36 -5.48 18.63
N VAL B 195 -12.08 -5.15 18.55
CA VAL B 195 -11.01 -6.06 18.95
C VAL B 195 -10.46 -5.61 20.32
N PRO B 196 -10.83 -6.28 21.41
CA PRO B 196 -10.39 -5.89 22.76
C PRO B 196 -8.88 -5.95 22.92
N PRO B 197 -8.32 -5.08 23.78
CA PRO B 197 -9.10 -4.07 24.49
C PRO B 197 -9.14 -2.73 23.77
N SER B 198 -10.19 -1.95 24.02
CA SER B 198 -10.20 -0.57 23.56
C SER B 198 -9.28 0.28 24.44
N VAL B 199 -8.86 1.42 23.89
CA VAL B 199 -7.90 2.28 24.56
C VAL B 199 -8.43 3.71 24.59
N SER B 200 -7.93 4.48 25.56
CA SER B 200 -8.31 5.87 25.70
C SER B 200 -7.10 6.67 26.18
N LYS B 201 -7.13 7.97 25.89
CA LYS B 201 -6.06 8.89 26.23
C LYS B 201 -6.65 10.14 26.87
N ARG B 202 -5.95 10.66 27.87
CA ARG B 202 -6.39 11.86 28.58
C ARG B 202 -5.74 13.08 27.92
N ILE B 203 -6.57 13.99 27.41
CA ILE B 203 -6.11 15.21 26.77
C ILE B 203 -6.73 16.40 27.50
N THR B 204 -5.87 17.25 28.05
CA THR B 204 -6.32 18.42 28.79
C THR B 204 -6.36 19.65 27.89
N LEU B 205 -7.39 20.47 28.08
CA LEU B 205 -7.53 21.72 27.35
C LEU B 205 -7.52 22.87 28.35
N VAL B 206 -6.51 23.73 28.26
CA VAL B 206 -6.35 24.88 29.13
C VAL B 206 -6.67 26.14 28.32
N VAL B 207 -7.59 26.96 28.85
CA VAL B 207 -8.05 28.16 28.16
C VAL B 207 -7.57 29.38 28.91
N HIS B 208 -6.87 30.27 28.21
CA HIS B 208 -6.45 31.54 28.78
C HIS B 208 -7.49 32.61 28.47
N PHE B 209 -7.69 33.52 29.42
CA PHE B 209 -8.61 34.63 29.23
C PHE B 209 -8.22 35.75 30.18
N PRO B 210 -8.50 37.01 29.84
CA PRO B 210 -8.17 38.11 30.73
C PRO B 210 -9.12 38.17 31.91
N PRO B 211 -8.67 38.70 33.04
CA PRO B 211 -9.50 38.70 34.25
C PRO B 211 -10.83 39.40 34.01
N MET B 212 -11.84 38.98 34.77
CA MET B 212 -13.19 39.54 34.66
C MET B 212 -13.69 39.79 36.07
N ILE B 213 -13.89 41.07 36.41
CA ILE B 213 -14.32 41.46 37.75
C ILE B 213 -15.84 41.54 37.79
N THR B 214 -16.41 41.04 38.88
CA THR B 214 -17.86 41.11 39.12
C THR B 214 -18.07 41.77 40.48
N VAL B 215 -18.48 43.02 40.48
CA VAL B 215 -18.69 43.76 41.72
C VAL B 215 -20.00 43.30 42.36
N GLN B 216 -19.92 42.85 43.61
CA GLN B 216 -21.12 42.42 44.31
C GLN B 216 -22.12 43.58 44.41
N ASN B 217 -21.65 44.74 44.86
CA ASN B 217 -22.51 45.92 45.02
C ASN B 217 -21.72 47.16 44.63
N GLN B 218 -22.20 47.87 43.61
CA GLN B 218 -21.50 49.07 43.14
C GLN B 218 -21.78 50.28 44.02
N LEU B 219 -22.87 50.28 44.77
CA LEU B 219 -23.17 51.33 45.73
C LEU B 219 -23.17 50.73 47.13
N ILE B 220 -22.56 51.45 48.08
CA ILE B 220 -22.50 51.01 49.46
C ILE B 220 -22.54 52.22 50.39
N GLY B 221 -23.56 52.31 51.21
CA GLY B 221 -23.68 53.36 52.21
C GLY B 221 -23.34 52.84 53.59
N ALA B 222 -22.61 53.65 54.35
CA ALA B 222 -22.21 53.27 55.70
C ALA B 222 -22.16 54.53 56.56
N VAL B 223 -22.22 54.32 57.87
CA VAL B 223 -22.22 55.40 58.85
C VAL B 223 -20.81 55.58 59.39
N GLU B 224 -20.51 56.80 59.83
CA GLU B 224 -19.20 57.09 60.41
C GLU B 224 -18.92 56.18 61.60
N GLY B 225 -17.65 55.94 61.86
CA GLY B 225 -17.22 55.19 63.03
C GLY B 225 -17.48 53.70 62.99
N LYS B 226 -18.29 53.22 62.06
CA LYS B 226 -18.56 51.79 61.92
C LYS B 226 -17.64 51.20 60.85
N GLY B 227 -17.84 49.91 60.58
CA GLY B 227 -17.04 49.23 59.58
C GLY B 227 -17.81 48.92 58.32
N VAL B 228 -17.10 48.77 57.20
CA VAL B 228 -17.71 48.45 55.91
C VAL B 228 -16.85 47.42 55.21
N THR B 229 -17.46 46.65 54.31
CA THR B 229 -16.79 45.61 53.55
C THR B 229 -17.12 45.79 52.08
N LEU B 230 -16.08 46.02 51.27
CA LEU B 230 -16.23 46.10 49.82
C LEU B 230 -15.95 44.73 49.22
N ASP B 231 -16.82 44.28 48.33
CA ASP B 231 -16.79 42.92 47.80
C ASP B 231 -16.65 42.93 46.29
N CYS B 232 -15.71 42.13 45.78
CA CYS B 232 -15.59 41.86 44.36
C CYS B 232 -15.20 40.40 44.18
N GLU B 233 -15.45 39.90 42.97
CA GLU B 233 -15.10 38.53 42.61
C GLU B 233 -14.46 38.55 41.22
N SER B 234 -13.28 37.95 41.11
CA SER B 234 -12.55 37.92 39.86
C SER B 234 -12.53 36.50 39.30
N GLU B 235 -12.43 36.41 37.98
CA GLU B 235 -12.33 35.13 37.27
C GLU B 235 -11.28 35.31 36.19
N ALA B 236 -10.17 34.58 36.30
CA ALA B 236 -9.07 34.76 35.36
C ALA B 236 -8.16 33.56 35.36
N TYR B 237 -7.73 33.15 34.18
CA TYR B 237 -6.69 32.14 34.02
C TYR B 237 -5.76 32.55 32.87
N PRO B 238 -4.45 32.50 33.12
CA PRO B 238 -3.79 32.07 34.36
C PRO B 238 -4.16 32.90 35.59
N LYS B 239 -3.73 32.43 36.76
CA LYS B 239 -4.08 33.10 38.02
C LYS B 239 -3.69 34.57 37.96
N SER B 240 -4.47 35.40 38.65
CA SER B 240 -4.29 36.83 38.66
C SER B 240 -3.95 37.32 40.06
N ILE B 241 -3.38 38.53 40.12
CA ILE B 241 -3.16 39.24 41.37
C ILE B 241 -4.30 40.22 41.55
N ASN B 242 -4.89 40.24 42.75
CA ASN B 242 -6.01 41.12 43.06
C ASN B 242 -5.57 42.15 44.08
N TYR B 243 -5.83 43.43 43.79
CA TYR B 243 -5.49 44.52 44.69
C TYR B 243 -6.55 45.60 44.58
N TRP B 244 -6.58 46.48 45.58
CA TRP B 244 -7.53 47.58 45.65
C TRP B 244 -6.81 48.90 45.44
N THR B 245 -7.42 49.77 44.64
CA THR B 245 -6.97 51.14 44.45
C THR B 245 -8.07 52.09 44.90
N ARG B 246 -7.80 53.39 44.79
CA ARG B 246 -8.74 54.39 45.27
C ARG B 246 -8.63 55.64 44.40
N GLU B 247 -9.77 56.13 43.92
CA GLU B 247 -9.87 57.39 43.20
C GLU B 247 -8.98 57.32 41.97
N ARG B 248 -7.92 58.14 41.87
CA ARG B 248 -7.11 58.22 40.67
C ARG B 248 -6.32 56.95 40.39
N GLY B 249 -6.22 56.03 41.36
CA GLY B 249 -5.45 54.83 41.17
C GLY B 249 -4.43 54.60 42.27
N GLU B 250 -4.50 55.41 43.32
CA GLU B 250 -3.62 55.21 44.47
C GLU B 250 -3.89 53.87 45.11
N ILE B 251 -2.86 53.04 45.24
CA ILE B 251 -3.02 51.74 45.88
C ILE B 251 -3.40 51.93 47.34
N VAL B 252 -4.28 51.09 47.84
CA VAL B 252 -4.80 51.25 49.20
C VAL B 252 -3.69 50.91 50.20
N PRO B 253 -3.56 51.66 51.29
CA PRO B 253 -2.50 51.37 52.27
C PRO B 253 -2.89 50.19 53.14
N PRO B 254 -1.97 49.27 53.39
CA PRO B 254 -2.31 48.13 54.25
C PRO B 254 -2.55 48.51 55.70
N GLY B 255 -1.93 49.58 56.18
CA GLY B 255 -1.97 49.88 57.59
C GLY B 255 -3.22 50.66 57.99
N GLY B 256 -3.54 50.56 59.28
CA GLY B 256 -4.61 51.36 59.85
C GLY B 256 -5.97 50.70 59.69
N LYS B 257 -6.93 51.46 59.17
CA LYS B 257 -8.31 50.98 59.09
C LYS B 257 -8.46 49.85 58.10
N TYR B 258 -7.62 49.79 57.07
CA TYR B 258 -7.83 48.89 55.95
C TYR B 258 -7.33 47.48 56.27
N SER B 259 -8.08 46.49 55.78
CA SER B 259 -7.70 45.09 55.85
C SER B 259 -8.30 44.37 54.66
N ALA B 260 -7.54 43.43 54.09
CA ALA B 260 -7.95 42.73 52.89
C ALA B 260 -7.90 41.23 53.13
N ASN B 261 -8.63 40.49 52.30
CA ASN B 261 -8.67 39.04 52.36
C ASN B 261 -9.04 38.53 50.96
N VAL B 262 -8.07 37.97 50.26
CA VAL B 262 -8.27 37.39 48.94
C VAL B 262 -8.16 35.88 49.06
N THR B 263 -9.24 35.18 48.70
CA THR B 263 -9.31 33.73 48.83
C THR B 263 -9.79 33.13 47.51
N GLU B 264 -9.11 32.09 47.06
CA GLU B 264 -9.53 31.37 45.86
C GLU B 264 -10.66 30.41 46.21
N ILE B 265 -11.61 30.27 45.28
CA ILE B 265 -12.81 29.48 45.54
C ILE B 265 -13.09 28.55 44.37
N GLY B 266 -12.05 27.88 43.87
CA GLY B 266 -12.23 26.95 42.77
C GLY B 266 -12.75 27.62 41.50
N GLY B 267 -12.66 26.91 40.38
CA GLY B 267 -13.04 27.51 39.11
C GLY B 267 -12.16 28.67 38.68
N TYR B 268 -11.03 28.88 39.35
CA TYR B 268 -10.12 29.98 39.04
C TYR B 268 -10.75 31.34 39.32
N ARG B 269 -11.59 31.42 40.35
CA ARG B 269 -12.18 32.66 40.81
C ARG B 269 -11.58 33.04 42.15
N ASN B 270 -11.36 34.34 42.36
CA ASN B 270 -10.89 34.87 43.62
C ASN B 270 -11.98 35.71 44.27
N SER B 271 -12.05 35.64 45.60
CA SER B 271 -12.94 36.49 46.38
C SER B 271 -12.06 37.51 47.11
N MET B 272 -12.11 38.75 46.68
CA MET B 272 -11.31 39.83 47.26
C MET B 272 -12.23 40.74 48.06
N ARG B 273 -11.91 40.92 49.34
CA ARG B 273 -12.68 41.76 50.24
C ARG B 273 -11.76 42.79 50.89
N LEU B 274 -12.25 44.02 51.00
CA LEU B 274 -11.53 45.12 51.63
C LEU B 274 -12.40 45.68 52.75
N HIS B 275 -11.91 45.62 53.98
CA HIS B 275 -12.65 46.05 55.16
C HIS B 275 -12.05 47.35 55.68
N ILE B 276 -12.87 48.40 55.73
CA ILE B 276 -12.46 49.70 56.23
C ILE B 276 -13.13 49.92 57.58
N ASN B 277 -12.34 50.35 58.57
CA ASN B 277 -12.84 50.52 59.93
C ASN B 277 -11.82 51.21 60.82
N PRO B 278 -12.25 52.28 61.52
CA PRO B 278 -13.59 52.86 61.48
C PRO B 278 -13.73 53.97 60.44
N LEU B 279 -14.88 54.04 59.79
CA LEU B 279 -15.09 55.01 58.72
C LEU B 279 -15.00 56.44 59.24
N THR B 280 -14.29 57.28 58.49
CA THR B 280 -14.28 58.72 58.67
C THR B 280 -14.45 59.36 57.30
N GLN B 281 -14.59 60.69 57.28
CA GLN B 281 -14.81 61.39 56.02
C GLN B 281 -13.72 61.07 55.02
N ALA B 282 -12.49 60.86 55.48
CA ALA B 282 -11.38 60.64 54.57
C ALA B 282 -11.47 59.31 53.83
N GLU B 283 -12.20 58.33 54.37
CA GLU B 283 -12.29 57.01 53.77
C GLU B 283 -13.47 56.85 52.82
N PHE B 284 -14.35 57.84 52.72
CA PHE B 284 -15.46 57.76 51.79
C PHE B 284 -15.03 58.21 50.39
N GLY B 285 -15.68 57.65 49.39
CA GLY B 285 -15.37 57.94 48.01
C GLY B 285 -15.51 56.68 47.17
N SER B 286 -14.96 56.74 45.97
CA SER B 286 -15.02 55.62 45.03
C SER B 286 -13.74 54.79 45.13
N TYR B 287 -13.91 53.47 45.21
CA TYR B 287 -12.81 52.53 45.24
C TYR B 287 -12.82 51.69 43.97
N ARG B 288 -11.71 50.98 43.75
CA ARG B 288 -11.58 50.09 42.61
C ARG B 288 -10.97 48.78 43.06
N CYS B 289 -11.62 47.67 42.70
CA CYS B 289 -11.05 46.34 42.85
C CYS B 289 -10.46 45.93 41.50
N VAL B 290 -9.21 45.49 41.53
CA VAL B 290 -8.46 45.22 40.30
C VAL B 290 -7.91 43.80 40.34
N ALA B 291 -7.85 43.18 39.17
CA ALA B 291 -7.23 41.88 38.99
C ALA B 291 -6.51 41.86 37.65
N LYS B 292 -5.31 41.29 37.64
CA LYS B 292 -4.49 41.24 36.43
C LYS B 292 -3.79 39.89 36.34
N ASN B 293 -3.58 39.44 35.11
CA ASN B 293 -2.84 38.21 34.86
C ASN B 293 -1.92 38.45 33.66
N SER B 294 -1.53 37.36 32.98
CA SER B 294 -0.61 37.45 31.86
C SER B 294 -1.24 38.06 30.62
N LEU B 295 -2.57 38.22 30.58
CA LEU B 295 -3.26 38.73 29.41
C LEU B 295 -3.72 40.17 29.52
N GLY B 296 -3.77 40.72 30.72
CA GLY B 296 -4.26 42.07 30.93
C GLY B 296 -4.88 42.18 32.31
N ASP B 297 -5.53 43.32 32.55
CA ASP B 297 -6.14 43.58 33.84
C ASP B 297 -7.52 44.20 33.63
N THR B 298 -8.32 44.16 34.69
CA THR B 298 -9.66 44.73 34.67
C THR B 298 -9.98 45.25 36.07
N ASP B 299 -10.98 46.12 36.16
CA ASP B 299 -11.33 46.73 37.43
C ASP B 299 -12.84 46.87 37.53
N GLY B 300 -13.29 47.01 38.76
CA GLY B 300 -14.67 47.39 39.04
C GLY B 300 -14.70 48.47 40.09
N THR B 301 -15.57 49.46 39.89
CA THR B 301 -15.65 50.61 40.78
C THR B 301 -16.76 50.40 41.82
N ILE B 302 -16.44 50.75 43.07
CA ILE B 302 -17.40 50.72 44.16
C ILE B 302 -17.43 52.11 44.79
N LYS B 303 -18.61 52.71 44.86
CA LYS B 303 -18.79 54.03 45.45
C LYS B 303 -19.27 53.86 46.88
N LEU B 304 -18.46 54.32 47.83
CA LEU B 304 -18.78 54.25 49.26
C LEU B 304 -19.11 55.66 49.73
N TYR B 305 -20.39 55.90 50.02
CA TYR B 305 -20.87 57.17 50.51
C TYR B 305 -21.35 57.04 51.95
N ARG B 306 -21.49 58.19 52.62
CA ARG B 306 -21.92 58.20 54.01
C ARG B 306 -23.42 58.38 54.12
N ILE B 307 -24.03 57.66 55.06
CA ILE B 307 -25.42 57.87 55.43
C ILE B 307 -25.45 58.20 56.92
N PRO B 308 -26.26 59.17 57.35
CA PRO B 308 -26.23 59.57 58.76
C PRO B 308 -26.79 58.49 59.67
N HIS B 309 -26.34 58.51 60.92
CA HIS B 309 -26.88 57.59 61.91
C HIS B 309 -28.39 57.73 62.02
N HIS B 310 -28.90 58.97 61.94
CA HIS B 310 -30.30 59.25 62.17
C HIS B 310 -30.78 60.34 61.23
N HIS B 311 -32.10 60.41 61.05
CA HIS B 311 -32.74 61.38 60.17
C HIS B 311 -34.03 61.85 60.82
N HIS B 312 -34.25 63.17 60.79
CA HIS B 312 -35.43 63.79 61.39
C HIS B 312 -36.26 64.45 60.31
N HIS B 313 -37.57 64.21 60.34
CA HIS B 313 -38.48 64.65 59.29
C HIS B 313 -38.86 66.12 59.39
N HIS B 314 -38.39 66.84 60.42
CA HIS B 314 -38.72 68.25 60.57
C HIS B 314 -40.22 68.48 60.53
#